data_9IN8
#
_entry.id   9IN8
#
_cell.length_a   46.427
_cell.length_b   115.029
_cell.length_c   53.337
_cell.angle_alpha   90.000
_cell.angle_beta   90.000
_cell.angle_gamma   90.000
#
_symmetry.space_group_name_H-M   'P 21 21 2'
#
loop_
_entity.id
_entity.type
_entity.pdbx_description
1 polymer 'Viral rhodopsin OLPVR1'
2 non-polymer RETINAL
3 non-polymer 'SODIUM ION'
4 non-polymer '(2S)-2,3-dihydroxypropyl (9Z)-hexadec-9-enoate'
5 non-polymer '(2R)-2,3-dihydroxypropyl (9Z)-octadec-9-enoate'
6 non-polymer EICOSANE
7 non-polymer GLYCEROL
8 water water
#
_entity_poly.entity_id   1
_entity_poly.type   'polypeptide(L)'
_entity_poly.pdbx_seq_one_letter_code
;(FME)DNIIMTAYISIFVQIITAIISVYGLFIPLNFKDIILREILILELIVQIIEFIFYIWLIITLQSINEDITYVRYFD
WVLTTPVMLLTTVYFFEYMNSDDGIRKKEINDRDYVYLFYICLSNFFMLLIGYLGETKQINKMLTLFGGSFFLFLTFYLL
YVKYTKENWMNYIVFYFMFLVWFLYGFAFMFPFSIKNQMYNILDIVSKNIYSIFIFIVILNQSYKLLLEHHHHHH
;
_entity_poly.pdbx_strand_id   A
#
loop_
_chem_comp.id
_chem_comp.type
_chem_comp.name
_chem_comp.formula
97N non-polymer '(2S)-2,3-dihydroxypropyl (9Z)-hexadec-9-enoate' 'C19 H36 O4'
GOL non-polymer GLYCEROL 'C3 H8 O3'
LFA non-polymer EICOSANE 'C20 H42'
NA non-polymer 'SODIUM ION' 'Na 1'
OLC non-polymer '(2R)-2,3-dihydroxypropyl (9Z)-octadec-9-enoate' 'C21 H40 O4'
RET non-polymer RETINAL 'C20 H28 O'
#
# COMPACT_ATOMS: atom_id res chain seq x y z
N FME A 1 19.65 0.81 13.98
CN FME A 1 18.42 0.46 14.51
O1 FME A 1 17.50 0.00 13.83
CA FME A 1 20.00 0.69 12.60
CB FME A 1 21.45 1.13 12.31
CG FME A 1 21.66 2.59 12.64
SD FME A 1 20.08 3.42 12.73
CE FME A 1 20.12 4.43 11.29
C FME A 1 19.88 -0.74 12.05
O FME A 1 19.33 -0.98 10.96
N ASP A 2 20.41 -1.68 12.83
N ASP A 2 20.41 -1.69 12.82
CA ASP A 2 20.36 -3.10 12.50
CA ASP A 2 20.41 -3.10 12.43
C ASP A 2 18.92 -3.61 12.36
C ASP A 2 19.01 -3.65 12.23
N ASN A 3 18.00 -3.15 13.23
N ASN A 3 18.07 -3.29 13.11
CA ASN A 3 16.63 -3.64 13.15
CA ASN A 3 16.70 -3.76 12.96
C ASN A 3 15.86 -3.01 11.99
C ASN A 3 15.97 -3.08 11.82
N ILE A 4 16.09 -1.72 11.68
N ILE A 4 16.29 -1.82 11.53
CA ILE A 4 15.51 -1.18 10.45
CA ILE A 4 15.70 -1.17 10.36
C ILE A 4 15.99 -1.97 9.25
C ILE A 4 16.10 -1.89 9.10
N ILE A 5 17.29 -2.27 9.21
N ILE A 5 17.39 -2.22 8.98
CA ILE A 5 17.83 -3.01 8.07
CA ILE A 5 17.89 -2.91 7.80
C ILE A 5 17.21 -4.40 8.00
C ILE A 5 17.35 -4.35 7.75
N MET A 6 17.24 -5.15 9.11
N MET A 6 17.02 -4.92 8.91
CA MET A 6 16.71 -6.52 9.06
CA MET A 6 16.49 -6.28 8.94
C MET A 6 15.25 -6.56 8.61
C MET A 6 15.05 -6.31 8.43
N THR A 7 14.43 -5.64 9.13
N THR A 7 14.18 -5.45 8.95
CA THR A 7 13.04 -5.59 8.69
CA THR A 7 12.81 -5.38 8.44
C THR A 7 12.92 -5.22 7.22
C THR A 7 12.78 -4.87 7.00
N ALA A 8 13.81 -4.34 6.74
N ALA A 8 13.83 -4.16 6.57
CA ALA A 8 13.80 -4.03 5.30
CA ALA A 8 13.94 -3.76 5.18
C ALA A 8 14.16 -5.26 4.48
C ALA A 8 14.12 -4.95 4.26
N TYR A 9 15.15 -6.04 4.95
N TYR A 9 15.00 -5.88 4.64
CA TYR A 9 15.48 -7.29 4.26
CA TYR A 9 15.20 -7.10 3.87
C TYR A 9 14.30 -8.25 4.24
C TYR A 9 13.97 -8.00 3.95
N ILE A 10 13.59 -8.39 5.37
N ILE A 10 13.30 -8.05 5.10
CA ILE A 10 12.39 -9.22 5.36
CA ILE A 10 12.17 -8.96 5.26
C ILE A 10 11.39 -8.69 4.34
C ILE A 10 11.06 -8.61 4.28
N SER A 11 11.18 -7.36 4.33
N SER A 11 10.75 -7.32 4.15
CA SER A 11 10.20 -6.77 3.42
CA SER A 11 9.83 -6.90 3.10
C SER A 11 10.61 -6.97 1.96
C SER A 11 10.36 -7.27 1.72
N ILE A 12 11.91 -6.84 1.68
N ILE A 12 11.60 -6.88 1.42
CA ILE A 12 12.41 -7.09 0.32
CA ILE A 12 12.19 -7.13 0.11
C ILE A 12 12.13 -8.53 -0.09
C ILE A 12 12.24 -8.63 -0.20
N PHE A 13 12.40 -9.48 0.82
CA PHE A 13 12.24 -10.90 0.55
C PHE A 13 10.82 -11.19 0.08
N VAL A 14 9.84 -10.69 0.83
N VAL A 14 9.84 -10.77 0.87
CA VAL A 14 8.44 -10.92 0.48
CA VAL A 14 8.45 -10.93 0.46
C VAL A 14 8.06 -10.17 -0.80
C VAL A 14 8.21 -10.28 -0.90
N GLN A 15 8.73 -9.06 -1.10
CA GLN A 15 8.46 -8.33 -2.35
C GLN A 15 8.90 -9.15 -3.56
N ILE A 16 10.11 -9.71 -3.50
N ILE A 16 10.09 -9.75 -3.48
CA ILE A 16 10.66 -10.43 -4.64
CA ILE A 16 10.58 -10.59 -4.58
C ILE A 16 9.85 -11.68 -4.94
C ILE A 16 9.55 -11.66 -4.93
N ILE A 17 9.52 -12.45 -3.90
N ILE A 17 9.13 -12.43 -3.93
CA ILE A 17 8.67 -13.64 -4.09
CA ILE A 17 8.31 -13.61 -4.21
C ILE A 17 7.31 -13.24 -4.68
C ILE A 17 6.89 -13.20 -4.61
N THR A 18 6.66 -12.23 -4.09
N THR A 18 6.42 -12.06 -4.12
CA THR A 18 5.35 -11.76 -4.53
CA THR A 18 5.12 -11.56 -4.55
C THR A 18 5.37 -11.34 -6.00
C THR A 18 5.20 -10.97 -5.95
N ALA A 19 6.39 -10.56 -6.38
CA ALA A 19 6.49 -10.09 -7.76
C ALA A 19 6.56 -11.27 -8.73
N ILE A 20 7.35 -12.30 -8.41
CA ILE A 20 7.43 -13.49 -9.27
C ILE A 20 6.04 -14.10 -9.45
N ILE A 21 5.36 -14.31 -8.34
CA ILE A 21 3.99 -14.85 -8.36
C ILE A 21 3.07 -13.98 -9.21
N SER A 22 3.14 -12.67 -9.03
CA SER A 22 2.26 -11.77 -9.76
C SER A 22 2.49 -11.86 -11.25
N VAL A 23 3.75 -11.96 -11.67
CA VAL A 23 4.04 -12.09 -13.10
C VAL A 23 3.38 -13.33 -13.70
N TYR A 24 3.55 -14.51 -13.07
CA TYR A 24 2.88 -15.70 -13.59
C TYR A 24 1.38 -15.49 -13.63
N GLY A 25 0.85 -14.81 -12.61
CA GLY A 25 -0.59 -14.53 -12.53
C GLY A 25 -1.13 -13.82 -13.76
N LEU A 26 -0.32 -12.93 -14.35
CA LEU A 26 -0.74 -12.16 -15.53
C LEU A 26 -1.07 -13.04 -16.73
N PHE A 27 -0.56 -14.26 -16.77
CA PHE A 27 -0.70 -15.14 -17.92
C PHE A 27 -1.71 -16.26 -17.69
N ILE A 28 -2.34 -16.30 -16.53
CA ILE A 28 -3.37 -17.30 -16.27
C ILE A 28 -4.61 -16.93 -17.08
N PRO A 29 -5.15 -17.85 -17.89
CA PRO A 29 -6.32 -17.51 -18.71
C PRO A 29 -7.55 -17.27 -17.83
N LEU A 30 -8.39 -16.33 -18.27
CA LEU A 30 -9.51 -15.84 -17.46
C LEU A 30 -10.82 -15.95 -18.21
N ASN A 31 -11.88 -16.36 -17.52
CA ASN A 31 -13.24 -16.26 -18.04
C ASN A 31 -13.65 -14.78 -18.13
N PHE A 32 -14.62 -14.48 -19.00
CA PHE A 32 -15.08 -13.10 -19.23
C PHE A 32 -15.32 -12.34 -17.93
N LYS A 33 -15.97 -12.97 -16.96
CA LYS A 33 -16.36 -12.23 -15.77
C LYS A 33 -15.16 -11.84 -14.91
N ASP A 34 -14.00 -12.48 -15.12
CA ASP A 34 -12.86 -12.33 -14.23
C ASP A 34 -11.74 -11.44 -14.79
N ILE A 35 -11.94 -10.85 -15.97
CA ILE A 35 -10.86 -10.10 -16.62
C ILE A 35 -10.33 -8.96 -15.74
N ILE A 36 -11.23 -8.31 -14.99
CA ILE A 36 -10.78 -7.20 -14.15
C ILE A 36 -9.69 -7.64 -13.14
N LEU A 37 -9.64 -8.92 -12.77
CA LEU A 37 -8.60 -9.37 -11.84
C LEU A 37 -7.20 -9.15 -12.42
N ARG A 38 -7.01 -9.40 -13.72
CA ARG A 38 -5.71 -9.14 -14.34
C ARG A 38 -5.41 -7.65 -14.40
N GLU A 39 -6.45 -6.82 -14.61
CA GLU A 39 -6.29 -5.37 -14.58
C GLU A 39 -5.79 -4.92 -13.21
N ILE A 40 -6.37 -5.48 -12.15
CA ILE A 40 -5.91 -5.22 -10.78
C ILE A 40 -4.45 -5.66 -10.61
N LEU A 41 -4.12 -6.87 -11.07
CA LEU A 41 -2.80 -7.41 -10.78
C LEU A 41 -1.71 -6.60 -11.47
N ILE A 42 -1.97 -6.05 -12.66
N ILE A 42 -1.97 -6.14 -12.70
CA ILE A 42 -0.94 -5.26 -13.31
CA ILE A 42 -1.05 -5.23 -13.39
C ILE A 42 -0.74 -3.91 -12.62
C ILE A 42 -0.75 -4.02 -12.51
N LEU A 43 -1.79 -3.36 -12.02
CA LEU A 43 -1.59 -2.14 -11.22
C LEU A 43 -0.82 -2.45 -9.94
N GLU A 44 -1.07 -3.61 -9.33
N GLU A 44 -1.07 -3.61 -9.35
CA GLU A 44 -0.31 -3.99 -8.14
CA GLU A 44 -0.26 -4.04 -8.21
C GLU A 44 1.16 -4.22 -8.45
C GLU A 44 1.22 -4.10 -8.59
N LEU A 45 1.46 -4.71 -9.65
N LEU A 45 1.53 -4.76 -9.70
CA LEU A 45 2.86 -4.88 -10.04
CA LEU A 45 2.93 -4.90 -10.11
C LEU A 45 3.54 -3.54 -10.21
C LEU A 45 3.58 -3.55 -10.31
N ILE A 46 2.83 -2.56 -10.79
CA ILE A 46 3.34 -1.20 -10.92
C ILE A 46 3.65 -0.62 -9.54
N VAL A 47 2.73 -0.79 -8.59
CA VAL A 47 3.00 -0.41 -7.19
C VAL A 47 4.28 -1.10 -6.71
N GLN A 48 4.46 -2.38 -7.06
N GLN A 48 4.47 -2.37 -7.09
CA GLN A 48 5.67 -3.09 -6.61
CA GLN A 48 5.63 -3.14 -6.65
C GLN A 48 6.93 -2.47 -7.20
C GLN A 48 6.93 -2.62 -7.26
N ILE A 49 6.88 -2.01 -8.45
CA ILE A 49 8.07 -1.41 -9.03
C ILE A 49 8.49 -0.19 -8.21
N ILE A 50 7.52 0.65 -7.89
N ILE A 50 7.51 0.64 -7.86
CA ILE A 50 7.81 1.85 -7.08
CA ILE A 50 7.80 1.82 -7.03
C ILE A 50 8.33 1.44 -5.70
C ILE A 50 8.33 1.43 -5.66
N GLU A 51 7.58 0.58 -5.00
N GLU A 51 7.90 0.26 -5.15
CA GLU A 51 7.98 0.14 -3.66
CA GLU A 51 8.43 -0.17 -3.86
C GLU A 51 9.41 -0.38 -3.67
C GLU A 51 9.85 -0.72 -4.00
N PHE A 52 9.76 -1.21 -4.65
N PHE A 52 10.14 -1.42 -5.10
CA PHE A 52 11.09 -1.81 -4.67
CA PHE A 52 11.48 -1.93 -5.34
C PHE A 52 12.17 -0.75 -4.82
C PHE A 52 12.49 -0.80 -5.41
N ILE A 53 11.92 0.26 -5.66
N ILE A 53 12.17 0.26 -6.15
CA ILE A 53 12.87 1.36 -5.80
CA ILE A 53 13.07 1.41 -6.24
C ILE A 53 13.12 2.04 -4.45
C ILE A 53 13.26 2.04 -4.87
N PHE A 54 12.05 2.29 -3.69
N PHE A 54 12.16 2.31 -4.15
CA PHE A 54 12.27 2.90 -2.38
CA PHE A 54 12.27 2.91 -2.83
C PHE A 54 13.09 2.00 -1.47
C PHE A 54 13.11 2.04 -1.89
N TYR A 55 12.81 0.70 -1.47
N TYR A 55 12.84 0.74 -1.85
CA TYR A 55 13.51 -0.18 -0.53
CA TYR A 55 13.59 -0.13 -0.95
C TYR A 55 14.98 -0.35 -0.88
C TYR A 55 15.05 -0.23 -1.34
N ILE A 56 15.32 -0.37 -2.17
N ILE A 56 15.34 -0.24 -2.64
CA ILE A 56 16.74 -0.38 -2.55
CA ILE A 56 16.73 -0.23 -3.08
C ILE A 56 17.41 0.93 -2.15
C ILE A 56 17.43 1.02 -2.59
N TRP A 57 16.75 2.06 -2.42
N TRP A 57 16.79 2.17 -2.75
CA TRP A 57 17.22 3.34 -1.91
CA TRP A 57 17.34 3.41 -2.21
C TRP A 57 17.48 3.28 -0.41
C TRP A 57 17.43 3.36 -0.69
N LEU A 58 16.51 2.74 0.33
N LEU A 58 16.49 2.67 -0.04
CA LEU A 58 16.60 2.73 1.79
CA LEU A 58 16.49 2.62 1.42
C LEU A 58 17.81 1.93 2.27
C LEU A 58 17.66 1.79 1.95
N ILE A 59 17.95 0.69 1.80
N ILE A 59 17.90 0.63 1.34
CA ILE A 59 19.04 -0.14 2.34
CA ILE A 59 19.00 -0.20 1.83
C ILE A 59 20.40 0.45 1.98
C ILE A 59 20.35 0.47 1.60
N ILE A 60 20.53 1.04 0.79
N ILE A 60 20.48 1.24 0.53
CA ILE A 60 21.75 1.77 0.45
CA ILE A 60 21.74 1.90 0.24
C ILE A 60 21.93 2.97 1.38
C ILE A 60 21.96 3.07 1.19
N THR A 61 20.88 3.79 1.53
CA THR A 61 20.99 5.01 2.33
C THR A 61 21.26 4.69 3.80
N LEU A 62 20.72 3.59 4.32
N LEU A 62 20.67 3.61 4.32
CA LEU A 62 20.90 3.25 5.73
CA LEU A 62 20.83 3.19 5.70
C LEU A 62 22.37 2.95 6.07
C LEU A 62 22.23 2.70 6.02
N GLN A 63 23.21 2.66 5.07
N GLN A 63 23.06 2.44 5.01
CA GLN A 63 24.62 2.40 5.34
CA GLN A 63 24.47 2.20 5.24
C GLN A 63 25.28 3.58 6.04
C GLN A 63 25.19 3.42 5.78
N SER A 64 25.04 4.79 5.53
N SER A 64 24.56 4.60 5.75
CA SER A 64 25.55 6.01 6.15
CA SER A 64 25.12 5.81 6.31
C SER A 64 24.33 6.90 6.42
C SER A 64 24.02 6.82 6.61
N ILE A 65 23.75 6.76 7.61
N ILE A 65 23.05 6.42 7.44
CA ILE A 65 22.55 7.48 8.00
CA ILE A 65 21.91 7.29 7.76
C ILE A 65 22.93 8.54 9.04
C ILE A 65 22.39 8.39 8.68
N ASN A 66 22.58 9.79 8.76
N ASN A 66 22.42 9.62 8.18
CA ASN A 66 22.78 10.87 9.71
CA ASN A 66 22.84 10.78 8.96
C ASN A 66 21.45 11.61 9.89
C ASN A 66 21.67 11.66 9.38
N GLU A 67 20.63 11.58 8.85
N GLU A 67 20.46 11.42 8.86
CA GLU A 67 19.36 12.28 8.86
CA GLU A 67 19.31 12.22 9.19
C GLU A 67 18.20 11.30 9.09
C GLU A 67 18.07 11.34 9.28
N ASP A 68 17.13 11.82 9.67
N ASP A 68 16.97 11.96 9.69
CA ASP A 68 15.90 11.07 9.79
CA ASP A 68 15.69 11.29 9.76
C ASP A 68 15.27 11.01 8.39
C ASP A 68 15.07 11.27 8.37
N ILE A 69 15.39 9.85 7.72
N ILE A 69 14.82 10.08 7.84
CA ILE A 69 14.97 9.72 6.33
CA ILE A 69 14.56 9.90 6.41
C ILE A 69 13.52 9.32 6.18
C ILE A 69 13.19 9.30 6.11
N THR A 70 12.76 9.32 7.28
N THR A 70 12.33 9.11 7.12
CA THR A 70 11.40 8.77 7.24
CA THR A 70 11.01 8.54 6.85
C THR A 70 10.55 9.46 6.18
C THR A 70 10.13 9.47 6.01
N TYR A 71 10.75 10.78 6.00
N TYR A 71 10.49 10.75 5.90
CA TYR A 71 9.91 11.56 5.08
CA TYR A 71 9.78 11.62 4.97
C TYR A 71 9.95 11.04 3.65
C TYR A 71 10.03 11.21 3.51
N VAL A 72 11.07 10.41 3.25
CA VAL A 72 11.24 9.95 1.87
C VAL A 72 10.18 8.93 1.50
N ARG A 73 9.67 8.19 2.49
N ARG A 73 9.65 8.20 2.49
CA ARG A 73 8.59 7.24 2.22
CA ARG A 73 8.60 7.23 2.22
C ARG A 73 7.41 7.92 1.53
C ARG A 73 7.36 7.88 1.63
N TYR A 74 7.16 9.18 1.85
CA TYR A 74 6.02 9.88 1.25
C TYR A 74 6.13 10.01 -0.27
N PHE A 75 7.34 10.06 -0.81
CA PHE A 75 7.49 10.10 -2.26
C PHE A 75 7.04 8.80 -2.90
N ASP A 76 7.16 7.69 -2.16
N ASP A 76 7.12 7.69 -2.16
CA ASP A 76 6.55 6.43 -2.57
CA ASP A 76 6.61 6.41 -2.63
C ASP A 76 5.03 6.52 -2.41
C ASP A 76 5.12 6.26 -2.30
N TRP A 77 4.57 6.79 -1.19
N TRP A 77 4.69 6.83 -1.17
CA TRP A 77 3.14 6.67 -0.89
CA TRP A 77 3.26 6.78 -0.83
C TRP A 77 2.27 7.61 -1.72
C TRP A 77 2.43 7.52 -1.87
N VAL A 78 2.78 8.78 -2.13
CA VAL A 78 1.95 9.69 -2.93
C VAL A 78 1.66 9.11 -4.30
N LEU A 79 2.51 8.20 -4.80
CA LEU A 79 2.29 7.50 -6.07
C LEU A 79 1.54 6.19 -5.85
N THR A 80 1.90 5.42 -4.83
CA THR A 80 1.35 4.07 -4.71
C THR A 80 -0.04 4.06 -4.11
N THR A 81 -0.29 4.88 -3.07
CA THR A 81 -1.58 4.77 -2.39
C THR A 81 -2.78 5.12 -3.27
N PRO A 82 -2.74 6.10 -4.17
CA PRO A 82 -3.92 6.27 -5.04
C PRO A 82 -4.16 5.06 -5.92
N VAL A 83 -3.09 4.46 -6.45
CA VAL A 83 -3.26 3.23 -7.24
C VAL A 83 -3.93 2.15 -6.40
N MET A 84 -3.46 1.97 -5.16
CA MET A 84 -4.03 0.94 -4.31
C MET A 84 -5.50 1.21 -4.03
N LEU A 85 -5.87 2.49 -3.90
CA LEU A 85 -7.27 2.80 -3.67
C LEU A 85 -8.10 2.46 -4.92
N LEU A 86 -7.59 2.80 -6.11
CA LEU A 86 -8.27 2.41 -7.34
C LEU A 86 -8.44 0.89 -7.44
N THR A 87 -7.38 0.12 -7.11
CA THR A 87 -7.50 -1.33 -7.24
C THR A 87 -8.47 -1.90 -6.22
N THR A 88 -8.56 -1.27 -5.05
CA THR A 88 -9.57 -1.66 -4.06
C THR A 88 -10.99 -1.43 -4.60
N VAL A 89 -11.23 -0.25 -5.17
CA VAL A 89 -12.52 0.00 -5.83
C VAL A 89 -12.82 -1.08 -6.86
N TYR A 90 -11.84 -1.40 -7.70
CA TYR A 90 -12.07 -2.40 -8.74
C TYR A 90 -12.41 -3.75 -8.13
N PHE A 91 -11.72 -4.13 -7.06
CA PHE A 91 -12.04 -5.43 -6.44
C PHE A 91 -13.44 -5.45 -5.83
N PHE A 92 -13.83 -4.36 -5.16
CA PHE A 92 -15.19 -4.29 -4.62
C PHE A 92 -16.21 -4.40 -5.74
N GLU A 93 -15.97 -3.70 -6.85
N GLU A 93 -15.98 -3.68 -6.85
CA GLU A 93 -16.88 -3.78 -7.98
CA GLU A 93 -16.89 -3.78 -8.00
C GLU A 93 -16.93 -5.19 -8.54
C GLU A 93 -16.93 -5.19 -8.54
N TYR A 94 -15.76 -5.85 -8.62
CA TYR A 94 -15.74 -7.24 -9.06
C TYR A 94 -16.57 -8.14 -8.14
N MET A 95 -16.37 -7.98 -6.81
CA MET A 95 -17.10 -8.83 -5.85
C MET A 95 -18.60 -8.58 -5.89
N ASN A 96 -19.02 -7.34 -6.15
CA ASN A 96 -20.38 -6.91 -5.87
C ASN A 96 -21.26 -6.74 -7.10
N SER A 97 -20.68 -6.71 -8.30
N SER A 97 -20.69 -6.74 -8.30
CA SER A 97 -21.46 -6.54 -9.51
CA SER A 97 -21.48 -6.61 -9.52
C SER A 97 -21.97 -7.90 -10.01
C SER A 97 -21.99 -7.98 -9.96
N ASP A 98 -23.26 -7.96 -10.34
N ASP A 98 -23.29 -8.04 -10.29
CA ASP A 98 -23.84 -9.20 -10.83
CA ASP A 98 -23.87 -9.29 -10.75
C ASP A 98 -23.30 -9.56 -12.21
C ASP A 98 -23.45 -9.63 -12.18
N ASP A 99 -23.21 -8.58 -13.10
N ASP A 99 -22.96 -8.66 -12.94
CA ASP A 99 -22.64 -8.81 -14.41
CA ASP A 99 -22.48 -8.89 -14.29
C ASP A 99 -21.15 -8.49 -14.39
C ASP A 99 -21.01 -8.49 -14.39
N GLY A 100 -20.43 -9.05 -15.37
N GLY A 100 -20.33 -9.08 -15.36
CA GLY A 100 -19.01 -8.74 -15.49
CA GLY A 100 -18.92 -8.82 -15.60
C GLY A 100 -18.81 -7.25 -15.66
C GLY A 100 -18.63 -7.35 -15.82
N ILE A 101 -17.74 -6.74 -15.06
N ILE A 101 -17.72 -6.79 -15.03
CA ILE A 101 -17.41 -5.33 -15.14
CA ILE A 101 -17.37 -5.38 -15.09
C ILE A 101 -15.89 -5.18 -15.18
C ILE A 101 -15.88 -5.27 -15.40
N ARG A 102 -15.42 -4.23 -16.00
N ARG A 102 -15.49 -4.13 -15.96
CA ARG A 102 -14.01 -3.93 -16.18
CA ARG A 102 -14.09 -3.83 -16.26
C ARG A 102 -13.69 -2.48 -15.81
C ARG A 102 -13.70 -2.52 -15.62
N LYS A 103 -12.40 -2.23 -15.61
CA LYS A 103 -11.98 -0.95 -15.04
C LYS A 103 -12.36 0.23 -15.93
N LYS A 104 -12.41 0.05 -17.25
CA LYS A 104 -12.77 1.19 -18.11
C LYS A 104 -14.18 1.67 -17.82
N GLU A 105 -15.13 0.74 -17.64
CA GLU A 105 -16.50 1.12 -17.31
C GLU A 105 -16.57 1.86 -15.99
N ILE A 106 -15.84 1.39 -14.99
CA ILE A 106 -15.80 2.03 -13.68
C ILE A 106 -15.19 3.42 -13.79
N ASN A 107 -14.01 3.51 -14.40
CA ASN A 107 -13.31 4.78 -14.53
C ASN A 107 -14.16 5.80 -15.28
N ASP A 108 -14.76 5.39 -16.39
CA ASP A 108 -15.50 6.33 -17.21
C ASP A 108 -16.74 6.84 -16.47
N ARG A 109 -17.32 5.99 -15.62
CA ARG A 109 -18.54 6.36 -14.90
C ARG A 109 -18.22 7.17 -13.65
N ASP A 110 -17.15 6.81 -12.94
CA ASP A 110 -16.92 7.29 -11.58
C ASP A 110 -15.72 8.23 -11.42
N TYR A 111 -15.12 8.74 -12.50
CA TYR A 111 -13.85 9.46 -12.37
C TYR A 111 -13.94 10.62 -11.37
N VAL A 112 -15.08 11.34 -11.33
CA VAL A 112 -15.17 12.43 -10.35
C VAL A 112 -15.09 11.90 -8.92
N TYR A 113 -15.88 10.88 -8.62
CA TYR A 113 -15.88 10.33 -7.26
C TYR A 113 -14.52 9.73 -6.91
N LEU A 114 -13.88 9.09 -7.88
CA LEU A 114 -12.56 8.52 -7.65
C LEU A 114 -11.55 9.61 -7.36
N PHE A 115 -11.66 10.74 -8.08
CA PHE A 115 -10.82 11.88 -7.76
C PHE A 115 -11.03 12.36 -6.33
N TYR A 116 -12.29 12.45 -5.88
CA TYR A 116 -12.53 12.84 -4.47
C TYR A 116 -11.83 11.89 -3.50
N ILE A 117 -11.92 10.57 -3.74
CA ILE A 117 -11.24 9.61 -2.87
C ILE A 117 -9.75 9.89 -2.83
N CYS A 118 -9.15 10.05 -4.01
CA CYS A 118 -7.69 10.26 -4.09
C CYS A 118 -7.29 11.62 -3.56
N LEU A 119 -8.18 12.62 -3.68
CA LEU A 119 -7.90 13.94 -3.13
C LEU A 119 -7.88 13.91 -1.61
N SER A 120 -8.88 13.28 -0.99
CA SER A 120 -8.87 13.07 0.45
C SER A 120 -7.59 12.38 0.90
N ASN A 121 -7.21 11.30 0.20
CA ASN A 121 -5.99 10.57 0.50
C ASN A 121 -4.74 11.45 0.34
N PHE A 122 -4.73 12.31 -0.69
CA PHE A 122 -3.62 13.24 -0.86
C PHE A 122 -3.50 14.20 0.33
N PHE A 123 -4.62 14.72 0.82
CA PHE A 123 -4.57 15.59 1.99
C PHE A 123 -4.05 14.86 3.22
N MET A 124 -4.48 13.61 3.42
CA MET A 124 -3.92 12.81 4.50
C MET A 124 -2.39 12.78 4.41
N LEU A 125 -1.86 12.47 3.23
CA LEU A 125 -0.41 12.33 3.08
C LEU A 125 0.30 13.67 3.23
N LEU A 126 -0.29 14.74 2.70
CA LEU A 126 0.34 16.05 2.82
C LEU A 126 0.47 16.44 4.30
N ILE A 127 -0.60 16.19 5.08
CA ILE A 127 -0.57 16.50 6.50
C ILE A 127 0.50 15.66 7.20
N GLY A 128 0.54 14.36 6.89
CA GLY A 128 1.59 13.52 7.44
C GLY A 128 2.98 14.00 7.08
N TYR A 129 3.17 14.43 5.83
CA TYR A 129 4.50 14.90 5.42
C TYR A 129 4.90 16.12 6.22
N LEU A 130 3.98 17.06 6.37
CA LEU A 130 4.20 18.23 7.22
C LEU A 130 4.57 17.82 8.65
N GLY A 131 3.90 16.81 9.20
CA GLY A 131 4.23 16.35 10.54
C GLY A 131 5.57 15.61 10.60
N GLU A 132 5.84 14.78 9.61
N GLU A 132 5.87 14.82 9.58
CA GLU A 132 7.04 13.95 9.62
CA GLU A 132 7.17 14.16 9.52
C GLU A 132 8.28 14.82 9.52
C GLU A 132 8.30 15.17 9.43
N THR A 133 8.19 15.95 8.81
N THR A 133 8.13 16.20 8.60
CA THR A 133 9.28 16.91 8.66
CA THR A 133 9.07 17.30 8.51
C THR A 133 9.22 18.05 9.68
C THR A 133 8.90 18.30 9.64
N LYS A 134 8.27 17.98 10.61
N LYS A 134 8.15 17.94 10.69
CA LYS A 134 8.22 18.87 11.79
CA LYS A 134 7.96 18.75 11.89
C LYS A 134 7.82 20.30 11.46
C LYS A 134 7.48 20.17 11.58
N GLN A 135 7.01 20.49 10.42
N GLN A 135 6.86 20.37 10.42
CA GLN A 135 6.42 21.78 10.09
CA GLN A 135 6.33 21.69 10.08
C GLN A 135 5.14 22.05 10.86
C GLN A 135 5.09 22.02 10.89
N ILE A 136 4.47 20.99 11.33
N ILE A 136 4.32 21.00 11.29
CA ILE A 136 3.34 21.06 12.25
CA ILE A 136 3.23 21.12 12.23
C ILE A 136 3.60 20.05 13.36
C ILE A 136 3.43 20.07 13.33
N ASN A 137 2.86 20.20 14.47
N ASN A 137 2.71 20.25 14.42
CA ASN A 137 3.12 19.32 15.61
CA ASN A 137 2.85 19.35 15.56
C ASN A 137 2.45 17.96 15.42
C ASN A 137 2.26 17.98 15.26
N LYS A 138 2.89 16.99 16.24
N LYS A 138 2.66 17.01 16.08
CA LYS A 138 2.42 15.61 16.11
CA LYS A 138 2.22 15.63 15.86
C LYS A 138 0.92 15.51 16.33
C LYS A 138 0.74 15.44 16.19
N MET A 139 0.39 16.28 17.29
N MET A 139 0.22 16.18 17.18
CA MET A 139 -1.03 16.16 17.60
CA MET A 139 -1.20 16.09 17.48
C MET A 139 -1.89 16.62 16.44
C MET A 139 -2.03 16.57 16.29
N LEU A 140 -1.52 17.74 15.80
N LEU A 140 -1.68 17.73 15.75
CA LEU A 140 -2.25 18.22 14.64
CA LEU A 140 -2.35 18.22 14.54
C LEU A 140 -2.16 17.22 13.49
C LEU A 140 -2.15 17.26 13.38
N THR A 141 -0.98 16.61 13.30
CA THR A 141 -0.78 15.65 12.23
C THR A 141 -1.70 14.45 12.43
N LEU A 142 -1.80 13.96 13.66
N LEU A 142 -1.74 13.92 13.66
CA LEU A 142 -2.60 12.77 13.90
CA LEU A 142 -2.52 12.72 13.92
C LEU A 142 -4.09 13.05 13.76
C LEU A 142 -4.01 12.98 13.77
N PHE A 143 -4.56 14.22 14.19
N PHE A 143 -4.47 14.15 14.25
CA PHE A 143 -5.98 14.50 14.06
CA PHE A 143 -5.87 14.50 14.07
C PHE A 143 -6.36 14.86 12.63
C PHE A 143 -6.22 14.70 12.59
N GLY A 144 -5.52 15.65 11.95
CA GLY A 144 -5.82 15.98 10.56
C GLY A 144 -5.65 14.79 9.63
N GLY A 145 -4.56 14.04 9.81
CA GLY A 145 -4.36 12.86 8.97
C GLY A 145 -5.43 11.80 9.18
N SER A 146 -5.82 11.57 10.44
CA SER A 146 -6.87 10.60 10.73
C SER A 146 -8.22 11.05 10.17
N PHE A 147 -8.51 12.37 10.23
CA PHE A 147 -9.74 12.86 9.60
C PHE A 147 -9.81 12.47 8.13
N PHE A 148 -8.74 12.76 7.38
CA PHE A 148 -8.73 12.40 5.95
C PHE A 148 -8.69 10.89 5.71
N LEU A 149 -8.00 10.12 6.56
CA LEU A 149 -8.08 8.67 6.38
C LEU A 149 -9.52 8.20 6.53
N PHE A 150 -10.21 8.70 7.55
N PHE A 150 -10.24 8.74 7.52
CA PHE A 150 -11.61 8.34 7.75
CA PHE A 150 -11.62 8.33 7.75
C PHE A 150 -12.43 8.72 6.53
C PHE A 150 -12.54 8.80 6.64
N LEU A 151 -12.25 9.95 6.03
CA LEU A 151 -13.04 10.44 4.91
C LEU A 151 -12.82 9.56 3.69
N THR A 152 -11.57 9.19 3.45
CA THR A 152 -11.26 8.34 2.30
C THR A 152 -12.00 7.02 2.41
N PHE A 153 -11.92 6.38 3.58
CA PHE A 153 -12.54 5.08 3.76
C PHE A 153 -14.05 5.17 3.80
N TYR A 154 -14.59 6.28 4.33
CA TYR A 154 -16.05 6.47 4.30
C TYR A 154 -16.55 6.59 2.87
N LEU A 155 -15.88 7.40 2.05
CA LEU A 155 -16.24 7.51 0.63
C LEU A 155 -16.18 6.16 -0.07
N LEU A 156 -15.11 5.41 0.18
N LEU A 156 -15.16 5.35 0.23
CA LEU A 156 -15.03 4.05 -0.35
CA LEU A 156 -15.06 4.04 -0.42
C LEU A 156 -16.25 3.23 0.07
C LEU A 156 -16.10 3.06 0.12
N TYR A 157 -16.54 3.24 1.37
CA TYR A 157 -17.53 2.32 1.94
C TYR A 157 -18.90 2.59 1.35
N VAL A 158 -19.29 3.85 1.30
CA VAL A 158 -20.68 4.18 0.96
C VAL A 158 -20.99 4.01 -0.51
N LYS A 159 -19.98 4.05 -1.38
CA LYS A 159 -20.24 3.87 -2.80
C LYS A 159 -20.02 2.43 -3.26
N TYR A 160 -19.05 1.70 -2.69
CA TYR A 160 -18.56 0.50 -3.33
C TYR A 160 -18.81 -0.80 -2.56
N THR A 161 -19.13 -0.76 -1.28
CA THR A 161 -19.31 -2.02 -0.57
C THR A 161 -20.75 -2.51 -0.60
N LYS A 162 -20.93 -3.77 -0.23
N LYS A 162 -20.93 -3.77 -0.21
CA LYS A 162 -22.24 -4.33 0.10
CA LYS A 162 -22.23 -4.35 0.09
C LYS A 162 -22.16 -4.83 1.54
C LYS A 162 -22.17 -4.98 1.48
N GLU A 163 -23.32 -5.08 2.13
CA GLU A 163 -23.38 -5.50 3.53
C GLU A 163 -23.30 -7.02 3.62
N ASN A 164 -22.06 -7.53 3.58
CA ASN A 164 -21.86 -8.97 3.78
C ASN A 164 -20.43 -9.19 4.26
N TRP A 165 -20.17 -10.41 4.78
CA TRP A 165 -18.91 -10.65 5.46
C TRP A 165 -17.70 -10.62 4.52
N MET A 166 -17.84 -11.01 3.25
N MET A 166 -17.84 -11.09 3.29
CA MET A 166 -16.67 -10.91 2.37
CA MET A 166 -16.76 -10.93 2.33
C MET A 166 -16.33 -9.46 2.04
C MET A 166 -16.34 -9.47 2.27
N ASN A 167 -17.32 -8.56 2.11
CA ASN A 167 -17.01 -7.14 2.08
C ASN A 167 -16.37 -6.66 3.38
N TYR A 168 -16.90 -7.07 4.54
CA TYR A 168 -16.36 -6.60 5.80
C TYR A 168 -14.90 -7.00 5.93
N ILE A 169 -14.57 -8.23 5.53
CA ILE A 169 -13.18 -8.68 5.61
C ILE A 169 -12.26 -7.76 4.80
N VAL A 170 -12.56 -7.58 3.52
CA VAL A 170 -11.69 -6.75 2.66
C VAL A 170 -11.63 -5.33 3.17
N PHE A 171 -12.79 -4.77 3.54
CA PHE A 171 -12.83 -3.36 3.90
C PHE A 171 -12.10 -3.10 5.22
N TYR A 172 -12.46 -3.83 6.27
CA TYR A 172 -11.89 -3.52 7.58
C TYR A 172 -10.45 -3.96 7.71
N PHE A 173 -10.06 -5.08 7.11
N PHE A 173 -10.00 -4.92 6.90
CA PHE A 173 -8.65 -5.46 7.16
CA PHE A 173 -8.58 -5.24 6.86
C PHE A 173 -7.81 -4.31 6.62
C PHE A 173 -7.80 -4.08 6.25
N MET A 174 -8.18 -3.80 5.45
N MET A 174 -8.29 -3.55 5.13
CA MET A 174 -7.44 -2.69 4.86
CA MET A 174 -7.62 -2.42 4.52
C MET A 174 -7.50 -1.44 5.74
C MET A 174 -7.63 -1.22 5.44
N PHE A 175 -8.71 -1.04 6.16
CA PHE A 175 -8.86 0.15 7.00
C PHE A 175 -7.96 0.06 8.24
N LEU A 176 -7.97 -1.08 8.93
CA LEU A 176 -7.10 -1.24 10.10
C LEU A 176 -5.62 -1.09 9.71
N VAL A 177 -5.20 -1.78 8.65
CA VAL A 177 -3.78 -1.73 8.25
C VAL A 177 -3.35 -0.29 7.92
N TRP A 178 -4.17 0.44 7.16
N TRP A 178 -4.19 0.43 7.16
CA TRP A 178 -3.81 1.81 6.87
CA TRP A 178 -3.87 1.83 6.85
C TRP A 178 -3.80 2.68 8.13
C TRP A 178 -3.82 2.68 8.11
N PHE A 179 -4.77 2.49 9.01
CA PHE A 179 -4.74 3.22 10.29
C PHE A 179 -3.45 2.96 11.07
N LEU A 180 -2.89 1.76 10.95
CA LEU A 180 -1.66 1.45 11.67
C LEU A 180 -0.45 2.23 11.15
N TYR A 181 -0.51 2.80 9.94
N TYR A 181 -0.47 2.69 9.89
CA TYR A 181 0.57 3.69 9.51
CA TYR A 181 0.53 3.68 9.47
C TYR A 181 0.53 5.00 10.29
C TYR A 181 0.51 4.87 10.42
N GLY A 182 -0.67 5.46 10.64
CA GLY A 182 -0.77 6.59 11.54
C GLY A 182 -0.31 6.26 12.94
N PHE A 183 -0.62 5.05 13.43
CA PHE A 183 -0.11 4.65 14.73
C PHE A 183 1.41 4.65 14.75
N ALA A 184 2.05 4.16 13.69
CA ALA A 184 3.51 4.15 13.61
C ALA A 184 4.12 5.54 13.66
N PHE A 185 3.43 6.54 13.11
CA PHE A 185 3.93 7.91 13.11
C PHE A 185 4.29 8.40 14.50
N MET A 186 3.66 7.85 15.54
N MET A 186 3.68 7.81 15.54
CA MET A 186 3.90 8.30 16.90
CA MET A 186 3.84 8.25 16.92
C MET A 186 5.31 7.99 17.39
C MET A 186 5.12 7.74 17.58
N PHE A 187 5.90 6.89 16.90
CA PHE A 187 7.04 6.24 17.50
C PHE A 187 8.37 6.85 17.04
N PRO A 188 9.42 6.66 17.83
CA PRO A 188 10.74 7.19 17.42
C PRO A 188 11.22 6.51 16.15
N PHE A 189 12.23 7.15 15.54
CA PHE A 189 12.79 6.78 14.24
C PHE A 189 12.87 5.28 13.98
N SER A 190 13.59 4.54 14.82
CA SER A 190 13.88 3.16 14.50
C SER A 190 12.62 2.31 14.53
N ILE A 191 11.83 2.43 15.61
CA ILE A 191 10.61 1.63 15.76
C ILE A 191 9.61 2.00 14.66
N LYS A 192 9.44 3.30 14.43
CA LYS A 192 8.55 3.80 13.38
C LYS A 192 8.88 3.18 12.03
N ASN A 193 10.17 3.17 11.66
N ASN A 193 10.17 3.15 11.66
CA ASN A 193 10.56 2.66 10.35
CA ASN A 193 10.55 2.67 10.33
C ASN A 193 10.45 1.15 10.27
C ASN A 193 10.58 1.15 10.23
N GLN A 194 10.79 0.45 11.35
CA GLN A 194 10.54 -0.99 11.39
C GLN A 194 9.07 -1.28 11.15
N MET A 195 8.19 -0.46 11.73
N MET A 195 8.19 -0.53 11.81
CA MET A 195 6.76 -0.71 11.57
CA MET A 195 6.76 -0.68 11.56
C MET A 195 6.29 -0.42 10.15
C MET A 195 6.45 -0.54 10.08
N TYR A 196 6.83 0.61 9.50
CA TYR A 196 6.48 0.85 8.09
C TYR A 196 7.00 -0.27 7.20
N ASN A 197 8.21 -0.77 7.47
CA ASN A 197 8.78 -1.83 6.62
C ASN A 197 7.89 -3.08 6.61
N ILE A 198 7.35 -3.45 7.77
CA ILE A 198 6.50 -4.64 7.89
C ILE A 198 5.07 -4.35 7.43
N LEU A 199 4.53 -3.17 7.79
CA LEU A 199 3.21 -2.79 7.30
C LEU A 199 3.14 -2.85 5.77
N ASP A 200 4.21 -2.47 5.07
N ASP A 200 4.20 -2.39 5.09
CA ASP A 200 4.19 -2.53 3.59
CA ASP A 200 4.33 -2.53 3.65
C ASP A 200 4.04 -3.97 3.08
C ASP A 200 3.94 -3.94 3.20
N ILE A 201 4.57 -4.95 3.79
CA ILE A 201 4.33 -6.35 3.42
C ILE A 201 2.84 -6.62 3.43
N VAL A 202 2.15 -6.13 4.45
CA VAL A 202 0.74 -6.44 4.63
C VAL A 202 -0.11 -5.63 3.66
N SER A 203 0.16 -4.33 3.54
CA SER A 203 -0.73 -3.49 2.75
C SER A 203 -0.55 -3.68 1.23
N LYS A 204 0.66 -3.96 0.76
N LYS A 204 0.65 -4.08 0.78
N LYS A 204 0.67 -4.01 0.78
CA LYS A 204 0.88 -4.21 -0.67
CA LYS A 204 1.01 -4.12 -0.63
CA LYS A 204 0.97 -4.17 -0.64
C LYS A 204 0.96 -5.70 -0.98
C LYS A 204 1.30 -5.52 -1.18
C LYS A 204 1.05 -5.65 -1.05
N ASN A 205 1.95 -6.40 -0.41
CA ASN A 205 2.27 -7.75 -0.90
C ASN A 205 1.17 -8.76 -0.60
N ILE A 206 0.62 -8.74 0.61
CA ILE A 206 -0.48 -9.67 0.90
C ILE A 206 -1.64 -9.44 -0.06
N TYR A 207 -1.90 -8.19 -0.40
N TYR A 207 -1.90 -8.18 -0.41
CA TYR A 207 -2.98 -7.90 -1.35
CA TYR A 207 -2.99 -7.90 -1.34
C TYR A 207 -2.71 -8.55 -2.69
C TYR A 207 -2.72 -8.50 -2.72
N SER A 208 -1.47 -8.45 -3.18
CA SER A 208 -1.13 -9.08 -4.45
C SER A 208 -1.30 -10.60 -4.38
N ILE A 209 -0.84 -11.22 -3.29
CA ILE A 209 -0.98 -12.67 -3.15
C ILE A 209 -2.46 -13.06 -3.11
N PHE A 210 -3.28 -12.29 -2.38
CA PHE A 210 -4.72 -12.51 -2.36
C PHE A 210 -5.30 -12.50 -3.77
N ILE A 211 -5.00 -11.47 -4.55
CA ILE A 211 -5.51 -11.40 -5.91
C ILE A 211 -5.04 -12.60 -6.73
N PHE A 212 -3.76 -12.96 -6.60
CA PHE A 212 -3.24 -14.14 -7.31
C PHE A 212 -4.06 -15.39 -6.98
N ILE A 213 -4.34 -15.60 -5.70
CA ILE A 213 -5.09 -16.79 -5.30
C ILE A 213 -6.53 -16.74 -5.83
N VAL A 214 -7.17 -15.57 -5.80
CA VAL A 214 -8.48 -15.43 -6.43
C VAL A 214 -8.42 -15.81 -7.90
N ILE A 215 -7.41 -15.30 -8.61
CA ILE A 215 -7.27 -15.63 -10.03
C ILE A 215 -7.10 -17.13 -10.22
N LEU A 216 -6.19 -17.74 -9.46
N LEU A 216 -6.21 -17.75 -9.44
CA LEU A 216 -5.90 -19.14 -9.66
CA LEU A 216 -6.04 -19.20 -9.54
C LEU A 216 -7.14 -19.99 -9.36
C LEU A 216 -7.35 -19.92 -9.29
N ASN A 217 -7.90 -19.62 -8.32
N ASN A 217 -8.04 -19.56 -8.19
CA ASN A 217 -9.13 -20.33 -7.96
CA ASN A 217 -9.27 -20.25 -7.81
C ASN A 217 -10.21 -20.16 -9.03
C ASN A 217 -10.34 -20.10 -8.90
N GLN A 218 -10.39 -18.95 -9.56
CA GLN A 218 -11.41 -18.75 -10.58
C GLN A 218 -11.09 -19.49 -11.88
N SER A 219 -9.81 -19.69 -12.18
CA SER A 219 -9.42 -20.11 -13.52
C SER A 219 -8.81 -21.50 -13.57
N TYR A 220 -8.78 -22.23 -12.45
N TYR A 220 -8.79 -22.23 -12.45
CA TYR A 220 -7.95 -23.44 -12.40
CA TYR A 220 -7.96 -23.44 -12.39
C TYR A 220 -8.40 -24.48 -13.42
C TYR A 220 -8.40 -24.50 -13.39
N LYS A 221 -9.68 -24.49 -13.79
CA LYS A 221 -10.13 -25.43 -14.81
C LYS A 221 -9.58 -25.06 -16.19
N LEU A 222 -9.48 -23.75 -16.48
CA LEU A 222 -8.83 -23.33 -17.71
C LEU A 222 -7.34 -23.63 -17.73
N LEU A 223 -6.72 -23.81 -16.56
CA LEU A 223 -5.30 -24.14 -16.49
C LEU A 223 -5.07 -25.64 -16.61
N LEU A 224 -5.83 -26.42 -15.85
CA LEU A 224 -5.65 -27.87 -15.84
C LEU A 224 -6.45 -28.52 -16.97
C1 RET B . 0.07 9.19 8.23
C1 RET B . -0.09 9.61 8.37
C1 RET B . 0.16 9.46 8.21
C2 RET B . 0.12 10.25 9.33
C2 RET B . -0.06 10.74 9.40
C2 RET B . 0.02 10.70 9.10
C3 RET B . -1.22 10.90 9.65
C3 RET B . -0.63 10.31 10.74
C3 RET B . -0.57 10.37 10.46
C4 RET B . -2.31 9.89 9.96
C4 RET B . -2.08 9.88 10.60
C4 RET B . -1.93 9.72 10.34
C5 RET B . -2.18 8.60 9.21
C5 RET B . -2.35 9.08 9.36
C5 RET B . -2.01 8.69 9.24
C6 RET B . -1.23 8.39 8.28
C6 RET B . -1.45 8.89 8.37
C6 RET B . -1.12 8.64 8.23
C7 RET B . -1.40 7.32 7.30
C7 RET B . -1.62 7.79 7.44
C7 RET B . -1.31 7.70 7.13
C8 RET B . -0.64 6.92 6.28
C8 RET B . -0.96 7.30 6.34
C8 RET B . -0.53 6.68 6.78
C9 RET B . -0.93 5.84 5.40
C9 RET B . -1.38 6.12 5.60
C9 RET B . -0.81 5.77 5.71
C10 RET B . 0.05 5.34 4.63
C10 RET B . -0.54 5.56 4.68
C10 RET B . 0.20 5.30 4.93
C11 RET B . -0.03 4.22 3.72
C11 RET B . -0.79 4.37 3.91
C11 RET B . 0.08 4.39 3.83
C12 RET B . 0.99 3.70 3.06
C12 RET B . 0.13 3.65 3.25
C12 RET B . 1.01 3.54 3.35
C13 RET B . 0.92 2.56 2.17
C13 RET B . -0.11 2.41 2.52
C13 RET B . 0.77 2.62 2.25
C14 RET B . 2.05 2.12 1.56
C14 RET B . 0.80 1.95 1.61
C14 RET B . 1.72 2.43 1.31
C15 RET B . 2.17 1.02 0.65
C15 RET B . 2.05 2.55 1.21
C15 RET B . 1.63 1.57 0.15
C16 RET B . 0.21 9.92 6.88
C16 RET B . 0.19 10.23 6.99
C16 RET B . 0.50 9.91 6.79
C17 RET B . 1.30 8.29 8.44
C17 RET B . 1.04 8.63 8.71
C17 RET B . 1.34 8.63 8.76
C18 RET B . -3.36 7.68 9.43
C18 RET B . -3.75 8.52 9.34
C18 RET B . -3.27 7.87 9.30
C19 RET B . -2.32 5.25 5.43
C19 RET B . -2.73 5.55 5.91
C19 RET B . -2.23 5.33 5.52
C20 RET B . -0.39 1.85 2.03
C20 RET B . -1.36 1.65 2.83
C20 RET B . -0.56 1.92 2.21
NA NA C . 11.00 12.67 10.65
C 97N D . -14.23 -13.25 -4.32
O 97N D . -8.33 -6.86 2.40
C1 97N D . -13.44 -13.65 -3.07
O1 97N D . -6.16 -6.98 1.92
C2 97N D . -13.62 -12.70 -1.89
O2 97N D . -3.57 -5.66 1.96
C3 97N D . -13.27 -13.30 -0.53
O3 97N D . -4.51 -3.43 3.57
C4 97N D . -12.92 -12.25 0.51
C5 97N D . -12.64 -12.78 1.93
C6 97N D . -11.89 -14.07 1.95
C7 97N D . -10.71 -14.39 2.51
C8 97N D . -9.73 -13.54 3.26
C9 97N D . -8.54 -13.18 2.36
C10 97N D . -7.30 -12.74 3.12
C11 97N D . -7.43 -11.33 3.67
C12 97N D . -8.04 -10.37 2.66
C13 97N D . -6.99 -9.85 1.71
C14 97N D . -7.50 -8.62 1.00
C15 97N D . -7.41 -7.40 1.85
C16 97N D . -5.92 -5.69 2.51
C17 97N D . -4.49 -5.74 3.02
C18 97N D . -4.30 -4.70 4.11
C10 OLC E . 2.38 -20.30 -11.15
C9 OLC E . 1.10 -20.56 -11.26
C11 OLC E . 3.07 -19.96 -9.88
C8 OLC E . 0.37 -20.83 -12.53
C12 OLC E . 4.57 -19.84 -10.00
C7 OLC E . 1.21 -20.57 -13.75
C13 OLC E . 5.19 -18.93 -8.94
C6 OLC E . 0.38 -20.35 -15.01
C14 OLC E . 5.99 -19.64 -7.89
C5 OLC E . 1.18 -20.09 -16.25
C4 OLC E . 0.31 -19.73 -17.41
C3 OLC E . 0.97 -19.83 -18.77
C2 OLC E . -0.03 -19.75 -19.88
C1 OLC E . -1.00 -20.90 -19.90
O19 OLC E . -0.98 -21.86 -19.17
O20 OLC E . -1.92 -20.75 -20.86
C1 LFA F . -2.25 -14.42 2.06
C2 LFA F . -3.73 -14.20 1.78
C3 LFA F . -4.44 -15.38 1.15
C4 LFA F . -5.93 -15.23 0.99
C5 LFA F . -6.59 -16.25 0.08
C6 LFA F . -8.08 -16.04 -0.13
C7 LFA F . -8.64 -16.76 -1.33
C8 LFA F . -10.13 -16.65 -1.51
C9 LFA F . -10.69 -17.49 -2.65
C10 LFA F . -12.19 -17.59 -2.67
C8 LFA G . 14.74 11.47 -8.42
C9 LFA G . 13.25 11.29 -8.65
C10 LFA G . 12.45 11.05 -7.39
C11 LFA G . 10.96 10.92 -7.62
C12 LFA G . 10.16 10.82 -6.34
C13 LFA G . 8.66 10.88 -6.54
C14 LFA G . 8.19 12.02 -7.41
C15 LFA G . 6.79 12.51 -7.12
C16 LFA G . 6.68 13.34 -5.87
C17 LFA G . 5.45 14.20 -5.79
C18 LFA G . 5.43 15.13 -4.60
C19 LFA G . 4.30 16.14 -4.59
C20 LFA G . 2.91 15.56 -4.55
C1 LFA H . 0.24 -5.54 10.56
C2 LFA H . 1.70 -5.78 10.83
C3 LFA H . 2.37 -4.71 11.65
C4 LFA H . 3.71 -5.13 12.21
C5 LFA H . 4.25 -4.23 13.31
C6 LFA H . 5.65 -4.57 13.76
C7 LFA H . 6.11 -3.83 15.00
C8 LFA H . 7.60 -3.91 15.25
C9 LFA H . 8.13 -2.82 16.15
C10 LFA H . 9.64 -2.68 16.13
C11 LFA H . 10.38 -3.52 17.14
C12 LFA H . 10.51 -2.90 18.50
C6 LFA I . 9.99 6.02 -9.73
C7 LFA I . 10.45 6.26 -8.30
C8 LFA I . 9.37 6.81 -7.41
C9 LFA I . 9.85 7.21 -6.03
C10 LFA I . 10.45 6.09 -5.23
C11 LFA I . 10.57 6.38 -3.75
C12 LFA I . 11.65 7.36 -3.36
C13 LFA I . 13.05 6.89 -3.64
C14 LFA I . 14.11 7.94 -3.35
C15 LFA I . 13.93 9.24 -4.11
C16 LFA I . 14.97 10.29 -3.79
C17 LFA I . 14.82 10.92 -2.41
C18 LFA I . 16.10 11.50 -1.85
C19 LFA I . 15.96 12.21 -0.52
C20 LFA I . 17.25 12.33 0.25
C5 LFA J . -3.72 20.59 4.28
C6 LFA J . -4.86 20.74 3.31
C7 LFA J . -6.15 20.08 3.75
C8 LFA J . -7.23 21.03 4.21
C9 LFA J . -7.95 21.78 3.11
C10 LFA J . -8.81 20.91 2.21
C11 LFA J . -9.94 20.19 2.93
C12 LFA J . -10.46 18.97 2.20
C13 LFA J . -11.65 19.20 1.29
C14 LFA J . -11.83 18.13 0.24
C15 LFA J . -11.57 16.73 0.72
C16 LFA J . -11.68 15.66 -0.36
C17 LFA J . -13.03 15.63 -1.03
C18 LFA J . -14.19 15.32 -0.09
C19 LFA J . -15.59 15.58 -0.60
C20 LFA J . -16.15 14.63 -1.63
C1 LFA K . -15.40 4.61 7.80
C2 LFA K . -16.26 3.37 7.78
C3 LFA K . -17.72 3.68 7.54
C4 LFA K . -18.69 2.54 7.73
C5 LFA K . -20.14 2.92 7.48
C16 LFA L . 8.61 -6.94 -12.97
C17 LFA L . 8.08 -6.52 -11.61
C18 LFA L . 9.10 -5.86 -10.73
C15 LFA M . 21.84 6.57 -2.97
C16 LFA M . 21.23 6.27 -4.32
C17 LFA M . 20.36 5.03 -4.34
C18 LFA M . 19.61 4.79 -5.63
C19 LFA M . 18.75 3.55 -5.57
C20 LFA M . 17.92 3.27 -6.79
C1 LFA N . -3.25 -11.29 8.02
C2 LFA N . -2.52 -11.08 9.31
C3 LFA N . -1.20 -10.36 9.15
C4 LFA N . -0.31 -10.36 10.37
C5 LFA N . 1.03 -9.70 10.11
C6 LFA N . 1.54 -9.94 8.71
C7 LFA N . 2.87 -10.64 8.62
C8 LFA N . 4.01 -9.90 9.25
C9 LFA N . 5.34 -10.55 9.01
C10 LFA N . 6.45 -10.06 9.90
C11 LFA N . 6.19 -10.25 11.37
C12 LFA N . 7.37 -9.92 12.24
C13 LFA N . 7.96 -8.58 11.95
C14 LFA N . 9.18 -8.21 12.76
C15 LFA N . 10.41 -9.03 12.47
C16 LFA N . 11.69 -8.30 12.78
C17 LFA N . 11.72 -7.67 14.15
C18 LFA N . 12.90 -6.78 14.39
C19 LFA N . 12.97 -6.26 15.80
C20 LFA N . 12.98 -7.37 16.81
C1 GOL O . 6.75 20.97 2.72
O1 GOL O . 7.84 21.38 1.94
C2 GOL O . 5.55 21.88 2.37
O2 GOL O . 5.00 21.56 1.14
C3 GOL O . 6.11 23.31 2.42
O3 GOL O . 5.66 23.92 3.59
C1 GOL P . -17.14 -13.20 -8.50
O1 GOL P . -17.68 -11.92 -8.25
C2 GOL P . -17.19 -13.40 -10.05
O2 GOL P . -16.83 -14.69 -10.40
C3 GOL P . -18.64 -13.06 -10.47
O3 GOL P . -18.60 -12.18 -11.56
C1 GOL Q . 13.23 17.42 5.05
O1 GOL Q . 14.62 17.37 4.86
C2 GOL Q . 12.59 17.82 3.69
O2 GOL Q . 13.50 17.75 2.64
C3 GOL Q . 12.03 19.26 3.91
O3 GOL Q . 10.91 19.41 3.06
C24 OLC R . -5.79 3.44 -13.83
C4 OLC R . -9.79 9.00 -11.78
C3 OLC R . -10.10 7.83 -12.70
C2 OLC R . -9.01 6.80 -12.71
C21 OLC R . -6.90 5.21 -15.27
C1 OLC R . -8.50 6.47 -14.08
C22 OLC R . -5.66 4.39 -15.00
O19 OLC R . -8.97 6.86 -15.12
O25 OLC R . -6.82 2.48 -14.07
O23 OLC R . -5.32 3.66 -16.18
O20 OLC R . -7.43 5.68 -14.02
C10 OLC S . 11.45 -21.48 -3.39
C9 OLC S . 11.31 -20.83 -2.26
C11 OLC S . 11.87 -22.92 -3.56
C8 OLC S . 10.88 -19.39 -2.14
C24 OLC S . 13.82 -16.71 9.51
C7 OLC S . 10.91 -18.84 -0.76
C6 OLC S . 10.01 -19.55 0.25
C5 OLC S . 10.76 -20.27 1.35
C4 OLC S . 11.48 -19.37 2.32
C3 OLC S . 12.49 -20.11 3.20
C2 OLC S . 12.30 -19.87 4.67
C21 OLC S . 13.55 -17.38 7.09
C1 OLC S . 12.83 -18.55 5.15
C22 OLC S . 14.20 -17.69 8.42
O19 OLC S . 12.98 -17.55 4.50
O25 OLC S . 14.72 -16.78 10.63
O23 OLC S . 13.94 -19.03 8.81
O20 OLC S . 13.15 -18.62 6.45
C7 OLC T . 21.32 2.89 -9.66
C6 OLC T . 22.54 3.05 -8.77
C5 OLC T . 22.39 2.43 -7.42
C4 OLC T . 23.64 2.38 -6.59
C3 OLC T . 24.17 3.73 -6.12
C2 OLC T . 25.03 3.60 -4.89
C1 OLC T . 25.55 4.91 -4.38
O19 OLC T . 25.48 5.96 -4.97
O20 OLC T . 26.05 4.79 -3.15
C10 OLC U . -16.34 16.87 3.52
C9 OLC U . -16.85 15.87 4.19
C11 OLC U . -14.90 17.32 3.55
C8 OLC U . -18.30 15.51 4.24
C12 OLC U . -14.52 17.89 4.89
C7 OLC U . -18.62 14.09 3.86
C6 OLC U . -18.93 13.85 2.39
C5 OLC U . -19.62 12.54 2.13
C4 OLC U . -20.03 12.30 0.70
C3 OLC U . -20.79 10.99 0.49
C2 OLC U . -21.14 10.73 -0.95
C21 OLC U . -22.05 7.54 -2.59
C1 OLC U . -21.85 9.41 -1.16
C22 OLC U . -23.43 7.77 -3.17
O19 OLC U . -22.66 8.95 -0.41
O20 OLC U . -21.45 8.81 -2.28
C10 OLC V . 2.19 23.10 -0.08
C9 OLC V . 2.03 22.57 1.10
C11 OLC V . 1.34 24.21 -0.60
C8 OLC V . 0.99 23.04 2.07
C12 OLC V . 0.97 24.02 -2.04
C7 OLC V . 1.57 23.92 3.13
C13 OLC V . 0.29 25.21 -2.68
C6 OLC V . 0.55 24.42 4.14
C14 OLC V . 0.31 25.13 -4.19
C5 OLC V . 1.12 25.37 5.15
C4 OLC V . 2.05 24.75 6.15
C3 OLC V . 2.84 25.76 6.97
C2 OLC V . 3.25 25.23 8.31
C1 OLC V . 2.15 25.24 9.33
O19 OLC V . 1.03 24.83 9.14
O20 OLC V . 2.55 25.76 10.48
#